data_4QLR
#
_entry.id   4QLR
#
_cell.length_a   50.100
_cell.length_b   48.603
_cell.length_c   52.872
_cell.angle_alpha   90.00
_cell.angle_beta   118.18
_cell.angle_gamma   90.00
#
_symmetry.space_group_name_H-M   'P 1 21 1'
#
loop_
_entity.id
_entity.type
_entity.pdbx_description
1 polymer 'Llama nanobody n02 VH domain'
2 water water
#
_entity_poly.entity_id   1
_entity_poly.type   'polypeptide(L)'
_entity_poly.pdbx_seq_one_letter_code
;DVQLVESGGGLVHPGGSLRLSCAASGRTFSDYALGWFRQAPGKDREFVAAISWSGGSTYYADSVQGRFTISRDNDKNSVY
LQMNSLKPEDTAVYYCAADKYYTGPGGESVYDYWGRGTQVTVSSHHHHHH
;
_entity_poly.pdbx_strand_id   A,B
#
# COMPACT_ATOMS: atom_id res chain seq x y z
N ASP A 1 -10.38 -17.16 -6.29
CA ASP A 1 -10.24 -15.87 -6.94
C ASP A 1 -10.05 -14.72 -5.92
N VAL A 2 -9.68 -15.07 -4.65
CA VAL A 2 -9.46 -14.05 -3.63
C VAL A 2 -8.26 -13.13 -3.94
N GLN A 3 -8.48 -11.82 -3.83
CA GLN A 3 -7.48 -10.78 -4.10
C GLN A 3 -7.05 -10.20 -2.75
N LEU A 4 -5.75 -9.99 -2.57
CA LEU A 4 -5.23 -9.46 -1.31
C LEU A 4 -4.48 -8.16 -1.57
N VAL A 5 -4.72 -7.13 -0.75
CA VAL A 5 -4.00 -5.85 -0.90
C VAL A 5 -3.51 -5.35 0.46
N GLU A 6 -2.18 -5.18 0.59
CA GLU A 6 -1.52 -4.66 1.79
C GLU A 6 -1.44 -3.12 1.74
N SER A 7 -1.53 -2.48 2.90
CA SER A 7 -1.33 -1.03 3.01
C SER A 7 -0.63 -0.72 4.32
N GLY A 8 -0.10 0.50 4.46
CA GLY A 8 0.52 0.93 5.72
C GLY A 8 2.03 1.05 5.71
N GLY A 9 2.68 0.66 4.63
CA GLY A 9 4.14 0.79 4.63
C GLY A 9 4.63 2.23 4.61
N GLY A 10 5.83 2.45 5.09
CA GLY A 10 6.42 3.79 5.07
C GLY A 10 7.82 3.82 5.57
N LEU A 11 8.39 5.04 5.63
CA LEU A 11 9.72 5.30 6.15
C LEU A 11 9.56 5.64 7.65
N VAL A 12 10.23 4.87 8.50
CA VAL A 12 10.15 5.03 9.95
C VAL A 12 11.55 5.10 10.53
N HIS A 13 11.72 5.89 11.57
CA HIS A 13 12.97 6.02 12.26
C HIS A 13 13.12 4.76 13.15
N PRO A 14 14.34 4.22 13.40
CA PRO A 14 14.49 3.11 14.38
C PRO A 14 13.84 3.47 15.74
N GLY A 15 13.19 2.48 16.32
CA GLY A 15 12.44 2.59 17.57
C GLY A 15 10.98 2.92 17.33
N GLY A 16 10.67 3.38 16.11
CA GLY A 16 9.33 3.72 15.65
C GLY A 16 8.41 2.52 15.49
N SER A 17 7.12 2.79 15.35
CA SER A 17 6.08 1.80 15.13
C SER A 17 5.39 2.00 13.79
N LEU A 18 4.80 0.92 13.28
CA LEU A 18 4.08 0.97 12.01
C LEU A 18 3.02 -0.12 12.01
N ARG A 19 1.83 0.17 11.44
CA ARG A 19 0.72 -0.79 11.38
C ARG A 19 0.42 -1.05 9.91
N LEU A 20 0.43 -2.32 9.56
CA LEU A 20 0.15 -2.78 8.22
C LEU A 20 -1.19 -3.47 8.21
N SER A 21 -1.89 -3.34 7.09
CA SER A 21 -3.16 -4.00 6.91
C SER A 21 -3.14 -4.79 5.60
N CYS A 22 -3.94 -5.83 5.56
CA CYS A 22 -4.07 -6.64 4.37
C CYS A 22 -5.50 -7.00 4.24
N ALA A 23 -6.17 -6.43 3.22
CA ALA A 23 -7.59 -6.64 2.97
C ALA A 23 -7.80 -7.59 1.83
N ALA A 24 -8.79 -8.45 1.99
CA ALA A 24 -9.18 -9.42 1.00
C ALA A 24 -10.51 -9.04 0.41
N SER A 25 -10.68 -9.42 -0.87
CA SER A 25 -11.87 -9.25 -1.70
C SER A 25 -12.93 -10.28 -1.27
N GLY A 26 -14.20 -10.03 -1.63
CA GLY A 26 -15.35 -10.89 -1.32
C GLY A 26 -15.75 -10.96 0.13
N ARG A 27 -16.66 -11.89 0.48
CA ARG A 27 -17.09 -12.10 1.86
C ARG A 27 -17.15 -13.59 2.23
N THR A 28 -15.98 -14.22 2.13
CA THR A 28 -15.67 -15.60 2.45
C THR A 28 -14.30 -15.58 3.15
N PHE A 29 -13.95 -14.42 3.75
CA PHE A 29 -12.67 -14.14 4.41
C PHE A 29 -12.37 -15.09 5.57
N SER A 30 -13.42 -15.43 6.37
CA SER A 30 -13.31 -16.36 7.50
C SER A 30 -12.85 -17.77 7.03
N ASP A 31 -12.88 -18.04 5.70
CA ASP A 31 -12.44 -19.32 5.14
C ASP A 31 -10.94 -19.36 4.92
N TYR A 32 -10.23 -18.27 5.27
CA TYR A 32 -8.79 -18.16 5.04
C TYR A 32 -7.98 -17.95 6.28
N ALA A 33 -6.85 -18.68 6.36
CA ALA A 33 -5.80 -18.46 7.34
C ALA A 33 -4.81 -17.56 6.58
N LEU A 34 -4.16 -16.63 7.29
CA LEU A 34 -3.28 -15.64 6.68
C LEU A 34 -1.92 -15.57 7.32
N GLY A 35 -0.97 -15.06 6.55
CA GLY A 35 0.39 -14.88 7.02
C GLY A 35 1.05 -13.66 6.42
N TRP A 36 2.05 -13.14 7.11
CA TRP A 36 2.88 -12.04 6.64
C TRP A 36 4.27 -12.60 6.38
N PHE A 37 4.86 -12.21 5.24
CA PHE A 37 6.21 -12.58 4.85
C PHE A 37 6.92 -11.28 4.50
N ARG A 38 8.25 -11.29 4.47
CA ARG A 38 8.93 -10.04 4.09
C ARG A 38 10.14 -10.37 3.28
N GLN A 39 10.50 -9.46 2.38
CA GLN A 39 11.69 -9.57 1.56
C GLN A 39 12.61 -8.39 1.80
N ALA A 40 13.74 -8.63 2.47
CA ALA A 40 14.76 -7.61 2.70
C ALA A 40 15.49 -7.36 1.37
N PRO A 41 16.05 -6.15 1.15
CA PRO A 41 16.65 -5.83 -0.16
C PRO A 41 17.58 -6.93 -0.71
N GLY A 42 17.21 -7.47 -1.88
CA GLY A 42 17.95 -8.49 -2.63
C GLY A 42 18.11 -9.85 -1.99
N LYS A 43 17.28 -10.13 -0.93
CA LYS A 43 17.37 -11.39 -0.20
C LYS A 43 16.15 -12.26 -0.48
N ASP A 44 16.19 -13.49 -0.01
CA ASP A 44 15.05 -14.40 -0.09
C ASP A 44 13.96 -13.87 0.88
N ARG A 45 12.70 -14.17 0.56
CA ARG A 45 11.58 -13.80 1.40
C ARG A 45 11.62 -14.71 2.65
N GLU A 46 11.28 -14.14 3.80
CA GLU A 46 11.19 -14.91 5.05
C GLU A 46 9.87 -14.73 5.75
N PHE A 47 9.51 -15.73 6.56
CA PHE A 47 8.31 -15.72 7.39
C PHE A 47 8.37 -14.60 8.45
N VAL A 48 7.20 -14.00 8.71
CA VAL A 48 7.06 -12.96 9.75
C VAL A 48 6.04 -13.38 10.82
N ALA A 49 4.79 -13.68 10.38
CA ALA A 49 3.72 -14.01 11.34
C ALA A 49 2.57 -14.71 10.63
N ALA A 50 1.81 -15.50 11.41
CA ALA A 50 0.68 -16.23 10.82
C ALA A 50 -0.47 -16.20 11.80
N ILE A 51 -1.72 -16.25 11.26
CA ILE A 51 -2.92 -16.26 12.08
C ILE A 51 -3.93 -17.25 11.49
N SER A 52 -4.52 -18.08 12.37
CA SER A 52 -5.52 -19.07 11.96
C SER A 52 -6.88 -18.42 11.57
N TRP A 53 -7.82 -19.23 11.01
CA TRP A 53 -9.18 -18.89 10.54
C TRP A 53 -9.94 -18.03 11.55
N SER A 54 -9.92 -18.43 12.82
CA SER A 54 -10.44 -17.65 13.94
C SER A 54 -9.07 -17.26 14.53
N GLY A 55 -8.91 -16.05 15.01
CA GLY A 55 -7.60 -15.63 15.53
C GLY A 55 -6.98 -16.44 16.66
N GLY A 56 -7.55 -17.62 16.93
CA GLY A 56 -7.16 -18.52 18.00
C GLY A 56 -5.68 -18.86 18.10
N SER A 57 -5.01 -19.15 16.96
CA SER A 57 -3.60 -19.55 16.94
C SER A 57 -2.75 -18.61 16.11
N THR A 58 -1.65 -18.14 16.70
CA THR A 58 -0.69 -17.21 16.03
C THR A 58 0.73 -17.68 16.15
N TYR A 59 1.55 -17.41 15.13
CA TYR A 59 2.96 -17.75 15.19
C TYR A 59 3.75 -16.55 14.76
N TYR A 60 4.94 -16.36 15.34
CA TYR A 60 5.83 -15.26 14.99
C TYR A 60 7.21 -15.79 14.67
N ALA A 61 7.94 -15.10 13.76
CA ALA A 61 9.35 -15.44 13.47
C ALA A 61 10.11 -15.07 14.74
N ASP A 62 11.19 -15.79 15.00
CA ASP A 62 12.04 -15.57 16.15
C ASP A 62 12.58 -14.14 16.22
N SER A 63 12.93 -13.51 15.06
CA SER A 63 13.51 -12.16 15.03
C SER A 63 12.45 -11.05 15.33
N VAL A 64 11.13 -11.38 15.26
CA VAL A 64 10.06 -10.39 15.47
C VAL A 64 9.17 -10.63 16.70
N GLN A 65 9.17 -11.85 17.23
CA GLN A 65 8.30 -12.22 18.36
C GLN A 65 8.46 -11.19 19.48
N GLY A 66 7.35 -10.77 20.02
CA GLY A 66 7.25 -9.81 21.12
C GLY A 66 7.15 -8.37 20.63
N ARG A 67 7.88 -8.01 19.54
CA ARG A 67 7.81 -6.66 18.99
C ARG A 67 6.61 -6.51 18.07
N PHE A 68 6.24 -7.57 17.33
CA PHE A 68 5.15 -7.53 16.36
C PHE A 68 3.96 -8.32 16.87
N THR A 69 2.75 -7.89 16.44
CA THR A 69 1.49 -8.54 16.75
C THR A 69 0.64 -8.66 15.48
N ILE A 70 0.09 -9.85 15.27
CA ILE A 70 -0.81 -10.11 14.17
C ILE A 70 -2.22 -10.27 14.73
N SER A 71 -3.18 -9.66 14.05
CA SER A 71 -4.58 -9.71 14.47
C SER A 71 -5.49 -9.77 13.21
N ARG A 72 -6.78 -10.04 13.43
CA ARG A 72 -7.73 -10.09 12.32
C ARG A 72 -9.06 -9.50 12.69
N ASP A 73 -9.72 -8.90 11.71
CA ASP A 73 -11.05 -8.31 11.90
C ASP A 73 -11.88 -8.82 10.73
N ASN A 74 -12.71 -9.84 10.97
CA ASN A 74 -13.55 -10.43 9.94
C ASN A 74 -14.55 -9.47 9.30
N ASP A 75 -15.09 -8.52 10.08
CA ASP A 75 -16.04 -7.48 9.60
C ASP A 75 -15.38 -6.54 8.61
N LYS A 76 -14.05 -6.39 8.68
CA LYS A 76 -13.35 -5.52 7.72
C LYS A 76 -12.54 -6.36 6.70
N ASN A 77 -12.76 -7.71 6.67
CA ASN A 77 -12.06 -8.66 5.80
C ASN A 77 -10.54 -8.41 5.80
N SER A 78 -9.98 -8.13 6.99
CA SER A 78 -8.56 -7.75 7.08
C SER A 78 -7.78 -8.43 8.15
N VAL A 79 -6.46 -8.51 7.90
CA VAL A 79 -5.50 -8.95 8.90
C VAL A 79 -4.57 -7.75 9.08
N TYR A 80 -3.98 -7.62 10.28
CA TYR A 80 -3.09 -6.52 10.59
C TYR A 80 -1.78 -7.01 11.10
N LEU A 81 -0.74 -6.18 10.94
CA LEU A 81 0.53 -6.47 11.53
C LEU A 81 0.99 -5.18 12.20
N GLN A 82 0.94 -5.19 13.53
CA GLN A 82 1.34 -4.04 14.32
C GLN A 82 2.82 -4.25 14.63
N MET A 83 3.66 -3.32 14.17
CA MET A 83 5.08 -3.47 14.41
C MET A 83 5.53 -2.40 15.38
N ASN A 84 6.17 -2.80 16.49
CA ASN A 84 6.69 -1.88 17.49
C ASN A 84 8.23 -1.95 17.50
N SER A 85 8.87 -0.94 18.07
CA SER A 85 10.34 -0.87 18.25
C SER A 85 11.12 -1.35 17.01
N LEU A 86 10.78 -0.75 15.86
CA LEU A 86 11.40 -1.14 14.58
C LEU A 86 12.91 -0.96 14.52
N LYS A 87 13.58 -1.88 13.82
CA LYS A 87 15.05 -1.85 13.70
C LYS A 87 15.42 -1.73 12.22
N PRO A 88 16.62 -1.19 11.88
CA PRO A 88 17.01 -1.13 10.45
C PRO A 88 16.87 -2.48 9.72
N GLU A 89 17.12 -3.58 10.43
CA GLU A 89 17.02 -4.97 9.96
C GLU A 89 15.61 -5.39 9.58
N ASP A 90 14.58 -4.62 10.02
CA ASP A 90 13.19 -4.89 9.69
C ASP A 90 12.84 -4.30 8.29
N THR A 91 13.78 -3.56 7.67
CA THR A 91 13.57 -3.00 6.33
C THR A 91 13.30 -4.11 5.34
N ALA A 92 12.16 -4.02 4.66
CA ALA A 92 11.74 -5.04 3.71
C ALA A 92 10.45 -4.65 3.02
N VAL A 93 10.12 -5.39 1.95
CA VAL A 93 8.81 -5.27 1.36
C VAL A 93 7.98 -6.35 2.12
N TYR A 94 6.86 -5.95 2.73
CA TYR A 94 6.02 -6.88 3.49
C TYR A 94 4.86 -7.36 2.67
N TYR A 95 4.70 -8.69 2.60
CA TYR A 95 3.67 -9.36 1.83
C TYR A 95 2.73 -10.11 2.69
N CYS A 96 1.47 -10.06 2.33
CA CYS A 96 0.56 -10.95 3.00
C CYS A 96 0.16 -12.11 2.05
N ALA A 97 -0.23 -13.23 2.66
CA ALA A 97 -0.62 -14.45 1.96
C ALA A 97 -1.84 -15.08 2.63
N ALA A 98 -2.64 -15.82 1.85
CA ALA A 98 -3.84 -16.50 2.36
C ALA A 98 -3.92 -17.92 1.86
N ASP A 99 -4.55 -18.81 2.65
CA ASP A 99 -4.79 -20.19 2.32
C ASP A 99 -6.07 -20.66 3.00
N LYS A 100 -6.86 -21.47 2.30
CA LYS A 100 -8.08 -21.98 2.91
C LYS A 100 -7.84 -23.16 3.83
N TYR A 101 -6.71 -23.88 3.64
CA TYR A 101 -6.45 -25.16 4.31
C TYR A 101 -5.30 -25.30 5.31
N TYR A 102 -4.31 -24.42 5.26
CA TYR A 102 -3.17 -24.59 6.17
C TYR A 102 -2.84 -23.33 6.94
N THR A 103 -2.50 -23.53 8.21
CA THR A 103 -2.06 -22.45 9.08
C THR A 103 -0.94 -22.98 9.94
N GLY A 104 -0.05 -22.10 10.34
CA GLY A 104 1.08 -22.47 11.17
C GLY A 104 2.29 -21.59 10.89
N PRO A 105 3.45 -21.93 11.46
CA PRO A 105 4.65 -21.12 11.17
C PRO A 105 5.20 -21.46 9.78
N GLY A 106 5.93 -20.51 9.18
CA GLY A 106 6.52 -20.73 7.86
C GLY A 106 5.56 -21.17 6.78
N GLY A 107 5.97 -22.15 6.00
CA GLY A 107 5.18 -22.70 4.92
C GLY A 107 4.91 -21.73 3.80
N GLU A 108 5.92 -20.90 3.44
CA GLU A 108 5.76 -19.92 2.35
C GLU A 108 5.18 -20.51 1.08
N SER A 109 5.77 -21.63 0.59
CA SER A 109 5.29 -22.27 -0.65
C SER A 109 3.89 -22.90 -0.52
N VAL A 110 3.42 -23.13 0.72
CA VAL A 110 2.12 -23.74 0.98
C VAL A 110 0.97 -22.79 0.57
N TYR A 111 1.11 -21.49 0.90
CA TYR A 111 0.04 -20.53 0.64
C TYR A 111 -0.43 -20.47 -0.79
N ASP A 112 -1.75 -20.41 -0.98
CA ASP A 112 -2.27 -20.35 -2.33
C ASP A 112 -2.35 -18.95 -2.93
N TYR A 113 -2.62 -17.93 -2.10
CA TYR A 113 -2.83 -16.57 -2.56
C TYR A 113 -1.82 -15.61 -2.01
N TRP A 114 -1.47 -14.61 -2.82
CA TRP A 114 -0.48 -13.60 -2.45
C TRP A 114 -0.94 -12.16 -2.74
N GLY A 115 -0.54 -11.24 -1.86
CA GLY A 115 -0.79 -9.81 -2.01
C GLY A 115 0.25 -9.21 -2.94
N ARG A 116 0.35 -7.90 -2.94
CA ARG A 116 1.25 -7.15 -3.82
C ARG A 116 2.53 -6.71 -3.15
N GLY A 117 2.49 -6.62 -1.82
CA GLY A 117 3.61 -6.10 -1.05
C GLY A 117 3.48 -4.62 -0.76
N THR A 118 3.95 -4.22 0.44
CA THR A 118 4.02 -2.83 0.90
C THR A 118 5.40 -2.65 1.53
N GLN A 119 6.09 -1.60 1.10
CA GLN A 119 7.45 -1.28 1.50
C GLN A 119 7.54 -0.68 2.90
N VAL A 120 8.47 -1.22 3.71
CA VAL A 120 8.78 -0.69 5.05
C VAL A 120 10.27 -0.35 5.09
N THR A 121 10.57 0.93 5.23
CA THR A 121 11.96 1.39 5.32
C THR A 121 12.24 1.90 6.71
N VAL A 122 13.12 1.22 7.45
CA VAL A 122 13.49 1.66 8.79
C VAL A 122 14.88 2.30 8.70
N SER A 123 14.90 3.63 8.75
CA SER A 123 16.14 4.36 8.56
C SER A 123 16.28 5.53 9.50
N SER A 124 17.50 5.75 9.94
CA SER A 124 17.85 6.91 10.76
C SER A 124 18.08 8.09 9.77
N HIS A 125 18.56 9.23 10.27
CA HIS A 125 18.86 10.39 9.42
C HIS A 125 20.21 10.21 8.71
N HIS A 126 20.92 9.10 9.01
CA HIS A 126 22.26 8.80 8.47
C HIS A 126 23.28 9.84 8.97
N HIS A 127 23.11 10.26 10.23
CA HIS A 127 24.03 11.21 10.84
C HIS A 127 25.15 10.39 11.50
N HIS A 128 26.38 10.69 11.12
CA HIS A 128 27.55 10.01 11.68
C HIS A 128 28.43 11.01 12.38
N HIS A 129 28.71 10.75 13.66
CA HIS A 129 29.61 11.55 14.50
C HIS A 129 30.96 10.80 14.49
N HIS A 130 32.06 11.51 14.17
CA HIS A 130 33.42 10.93 14.09
C HIS A 130 34.45 11.70 14.94
N VAL B 2 -18.11 3.74 -0.90
CA VAL B 2 -16.98 3.22 -1.66
C VAL B 2 -15.64 3.43 -0.91
N GLN B 3 -14.83 2.35 -0.84
CA GLN B 3 -13.52 2.34 -0.20
C GLN B 3 -12.42 2.37 -1.26
N LEU B 4 -11.31 3.07 -1.00
CA LEU B 4 -10.23 3.16 -1.97
C LEU B 4 -8.93 2.70 -1.33
N VAL B 5 -8.13 1.90 -2.05
CA VAL B 5 -6.82 1.47 -1.52
C VAL B 5 -5.72 1.61 -2.58
N GLU B 6 -4.68 2.38 -2.24
CA GLU B 6 -3.51 2.62 -3.09
C GLU B 6 -2.42 1.58 -2.82
N SER B 7 -1.68 1.20 -3.86
CA SER B 7 -0.52 0.29 -3.71
C SER B 7 0.57 0.72 -4.68
N GLY B 8 1.78 0.22 -4.48
CA GLY B 8 2.87 0.52 -5.42
C GLY B 8 3.96 1.44 -4.95
N GLY B 9 3.80 2.04 -3.78
CA GLY B 9 4.85 2.93 -3.29
C GLY B 9 6.12 2.20 -2.90
N GLY B 10 7.23 2.91 -2.92
CA GLY B 10 8.49 2.32 -2.51
C GLY B 10 9.62 3.33 -2.49
N LEU B 11 10.84 2.83 -2.21
CA LEU B 11 12.08 3.62 -2.21
C LEU B 11 12.68 3.44 -3.62
N VAL B 12 12.86 4.55 -4.32
CA VAL B 12 13.37 4.56 -5.69
C VAL B 12 14.54 5.54 -5.76
N HIS B 13 15.52 5.20 -6.57
CA HIS B 13 16.67 6.04 -6.81
C HIS B 13 16.20 7.14 -7.79
N PRO B 14 16.76 8.39 -7.74
CA PRO B 14 16.42 9.39 -8.77
C PRO B 14 16.64 8.86 -10.19
N GLY B 15 15.72 9.24 -11.07
CA GLY B 15 15.69 8.79 -12.46
C GLY B 15 14.84 7.55 -12.63
N GLY B 16 14.55 6.86 -11.52
CA GLY B 16 13.74 5.65 -11.48
C GLY B 16 12.27 5.89 -11.79
N SER B 17 11.54 4.80 -12.02
CA SER B 17 10.12 4.80 -12.31
C SER B 17 9.38 4.00 -11.27
N LEU B 18 8.10 4.33 -11.12
CA LEU B 18 7.22 3.65 -10.18
C LEU B 18 5.79 3.72 -10.68
N ARG B 19 5.02 2.63 -10.50
CA ARG B 19 3.64 2.59 -10.91
C ARG B 19 2.78 2.40 -9.67
N LEU B 20 1.84 3.31 -9.49
CA LEU B 20 0.92 3.26 -8.36
C LEU B 20 -0.45 2.83 -8.88
N SER B 21 -1.18 2.14 -8.01
CA SER B 21 -2.53 1.72 -8.33
C SER B 21 -3.47 2.14 -7.20
N CYS B 22 -4.71 2.33 -7.55
CA CYS B 22 -5.72 2.66 -6.58
C CYS B 22 -6.97 1.92 -6.98
N ALA B 23 -7.35 0.96 -6.14
CA ALA B 23 -8.51 0.09 -6.38
C ALA B 23 -9.67 0.48 -5.51
N ALA B 24 -10.87 0.45 -6.11
CA ALA B 24 -12.11 0.81 -5.44
C ALA B 24 -13.03 -0.39 -5.30
N SER B 25 -13.83 -0.37 -4.22
CA SER B 25 -14.83 -1.41 -3.96
C SER B 25 -16.07 -1.17 -4.83
N GLY B 26 -17.08 -2.03 -4.66
CA GLY B 26 -18.35 -1.92 -5.36
C GLY B 26 -18.34 -2.37 -6.80
N ARG B 27 -19.41 -2.04 -7.53
CA ARG B 27 -19.57 -2.40 -8.96
C ARG B 27 -20.15 -1.18 -9.68
N THR B 28 -19.71 0.00 -9.22
CA THR B 28 -20.16 1.30 -9.65
C THR B 28 -18.93 2.19 -9.99
N PHE B 29 -17.73 1.58 -10.18
CA PHE B 29 -16.48 2.33 -10.46
C PHE B 29 -16.57 3.33 -11.62
N SER B 30 -17.30 2.99 -12.70
CA SER B 30 -17.50 3.86 -13.88
C SER B 30 -18.31 5.11 -13.55
N ASP B 31 -18.97 5.14 -12.37
CA ASP B 31 -19.71 6.31 -11.92
C ASP B 31 -18.79 7.32 -11.23
N TYR B 32 -17.47 7.04 -11.20
CA TYR B 32 -16.48 7.89 -10.53
C TYR B 32 -15.38 8.47 -11.36
N ALA B 33 -15.06 9.75 -11.07
CA ALA B 33 -13.89 10.48 -11.54
C ALA B 33 -12.90 10.40 -10.36
N LEU B 34 -11.62 10.29 -10.69
CA LEU B 34 -10.57 10.07 -9.69
C LEU B 34 -9.39 11.02 -9.85
N GLY B 35 -8.68 11.21 -8.74
CA GLY B 35 -7.51 12.06 -8.71
C GLY B 35 -6.44 11.51 -7.81
N TRP B 36 -5.18 11.91 -8.06
CA TRP B 36 -4.05 11.61 -7.21
C TRP B 36 -3.59 12.93 -6.58
N PHE B 37 -3.30 12.87 -5.30
CA PHE B 37 -2.77 14.00 -4.54
C PHE B 37 -1.53 13.51 -3.82
N ARG B 38 -0.66 14.41 -3.35
CA ARG B 38 0.51 13.93 -2.63
C ARG B 38 0.84 14.88 -1.53
N GLN B 39 1.41 14.35 -0.45
CA GLN B 39 1.85 15.13 0.69
C GLN B 39 3.34 14.93 0.93
N ALA B 40 4.13 15.96 0.65
CA ALA B 40 5.58 15.93 0.90
C ALA B 40 5.81 16.06 2.41
N PRO B 41 6.92 15.53 2.95
CA PRO B 41 7.10 15.55 4.43
C PRO B 41 6.84 16.91 5.09
N GLY B 42 5.84 16.91 6.00
CA GLY B 42 5.43 18.06 6.80
C GLY B 42 4.77 19.21 6.06
N LYS B 43 4.36 18.98 4.79
CA LYS B 43 3.79 20.04 3.96
C LYS B 43 2.31 19.78 3.70
N ASP B 44 1.63 20.78 3.11
CA ASP B 44 0.25 20.64 2.73
C ASP B 44 0.19 19.66 1.54
N ARG B 45 -0.95 18.96 1.40
CA ARG B 45 -1.16 18.05 0.29
C ARG B 45 -1.37 18.90 -0.97
N GLU B 46 -0.84 18.43 -2.10
CA GLU B 46 -1.03 19.11 -3.39
C GLU B 46 -1.54 18.17 -4.44
N PHE B 47 -2.20 18.76 -5.45
CA PHE B 47 -2.70 18.06 -6.60
C PHE B 47 -1.58 17.43 -7.45
N VAL B 48 -1.85 16.25 -8.01
CA VAL B 48 -0.90 15.55 -8.90
C VAL B 48 -1.53 15.31 -10.26
N ALA B 49 -2.69 14.62 -10.30
CA ALA B 49 -3.32 14.26 -11.57
C ALA B 49 -4.78 13.91 -11.38
N ALA B 50 -5.60 14.09 -12.42
CA ALA B 50 -7.02 13.76 -12.33
C ALA B 50 -7.44 13.11 -13.62
N ILE B 51 -8.46 12.23 -13.56
CA ILE B 51 -9.00 11.51 -14.71
C ILE B 51 -10.52 11.49 -14.64
N SER B 52 -11.18 11.84 -15.75
CA SER B 52 -12.65 11.83 -15.83
C SER B 52 -13.21 10.39 -15.88
N TRP B 53 -14.56 10.26 -15.85
CA TRP B 53 -15.34 9.00 -15.83
C TRP B 53 -14.87 7.91 -16.84
N SER B 54 -14.37 8.37 -17.99
CA SER B 54 -13.78 7.57 -19.07
C SER B 54 -12.89 8.57 -19.80
N GLY B 55 -13.54 9.35 -20.65
CA GLY B 55 -12.97 10.48 -21.37
C GLY B 55 -13.71 11.73 -20.93
N GLY B 56 -13.32 12.90 -21.46
CA GLY B 56 -12.25 13.00 -22.43
C GLY B 56 -10.92 13.49 -21.90
N SER B 57 -10.92 14.23 -20.77
CA SER B 57 -9.70 14.81 -20.26
C SER B 57 -9.08 14.32 -18.95
N THR B 58 -7.78 14.55 -18.87
CA THR B 58 -6.93 14.30 -17.74
C THR B 58 -6.23 15.62 -17.47
N TYR B 59 -5.89 15.85 -16.23
CA TYR B 59 -5.17 17.04 -15.87
C TYR B 59 -3.96 16.62 -15.07
N TYR B 60 -2.85 17.36 -15.22
CA TYR B 60 -1.62 17.12 -14.46
C TYR B 60 -1.15 18.39 -13.79
N ALA B 61 -0.47 18.25 -12.64
CA ALA B 61 0.16 19.39 -11.97
C ALA B 61 1.33 19.79 -12.90
N ASP B 62 1.67 21.08 -12.88
CA ASP B 62 2.74 21.63 -13.69
C ASP B 62 4.09 20.93 -13.43
N SER B 63 4.39 20.56 -12.14
CA SER B 63 5.66 19.93 -11.76
C SER B 63 5.77 18.47 -12.22
N VAL B 64 4.64 17.81 -12.59
CA VAL B 64 4.66 16.40 -13.01
C VAL B 64 4.31 16.13 -14.48
N GLN B 65 3.62 17.07 -15.14
CA GLN B 65 3.17 16.91 -16.50
C GLN B 65 4.30 16.40 -17.39
N GLY B 66 3.98 15.38 -18.19
CA GLY B 66 4.90 14.75 -19.13
C GLY B 66 5.68 13.58 -18.53
N ARG B 67 6.11 13.69 -17.26
CA ARG B 67 6.82 12.61 -16.56
C ARG B 67 5.81 11.57 -16.03
N PHE B 68 4.60 12.03 -15.59
CA PHE B 68 3.59 11.14 -15.02
C PHE B 68 2.41 11.00 -15.95
N THR B 69 1.75 9.83 -15.87
CA THR B 69 0.58 9.49 -16.65
C THR B 69 -0.46 8.84 -15.77
N ILE B 70 -1.69 9.30 -15.91
CA ILE B 70 -2.82 8.73 -15.17
C ILE B 70 -3.68 7.97 -16.16
N SER B 71 -4.13 6.79 -15.75
CA SER B 71 -4.96 5.93 -16.59
C SER B 71 -5.98 5.18 -15.72
N ARG B 72 -6.96 4.54 -16.37
CA ARG B 72 -7.98 3.80 -15.64
C ARG B 72 -8.35 2.50 -16.33
N ASP B 73 -8.70 1.49 -15.53
CA ASP B 73 -9.14 0.21 -16.03
C ASP B 73 -10.41 -0.14 -15.26
N ASN B 74 -11.53 0.09 -15.88
CA ASN B 74 -12.79 -0.14 -15.29
C ASN B 74 -13.07 -1.61 -14.92
N ASP B 75 -12.57 -2.53 -15.71
CA ASP B 75 -12.71 -3.95 -15.43
C ASP B 75 -11.94 -4.36 -14.20
N LYS B 76 -10.96 -3.57 -13.80
CA LYS B 76 -10.23 -3.84 -12.58
C LYS B 76 -10.54 -2.88 -11.43
N ASN B 77 -11.56 -2.06 -11.59
CA ASN B 77 -12.00 -1.02 -10.65
C ASN B 77 -10.79 -0.18 -10.16
N SER B 78 -9.86 0.13 -11.08
CA SER B 78 -8.63 0.79 -10.67
C SER B 78 -8.24 1.99 -11.52
N VAL B 79 -7.48 2.89 -10.90
CA VAL B 79 -6.81 4.02 -11.57
C VAL B 79 -5.31 3.80 -11.29
N TYR B 80 -4.46 4.26 -12.22
CA TYR B 80 -3.03 4.09 -12.08
C TYR B 80 -2.31 5.40 -12.23
N LEU B 81 -1.12 5.46 -11.64
CA LEU B 81 -0.28 6.62 -11.82
C LEU B 81 1.10 6.07 -12.15
N GLN B 82 1.48 6.24 -13.42
CA GLN B 82 2.77 5.78 -13.88
C GLN B 82 3.72 6.97 -13.72
N MET B 83 4.76 6.78 -12.93
CA MET B 83 5.68 7.87 -12.65
C MET B 83 7.06 7.56 -13.24
N ASN B 84 7.52 8.39 -14.20
CA ASN B 84 8.83 8.21 -14.83
C ASN B 84 9.80 9.29 -14.34
N SER B 85 11.11 9.05 -14.53
CA SER B 85 12.19 10.03 -14.21
C SER B 85 11.99 10.72 -12.87
N LEU B 86 11.77 9.93 -11.82
CA LEU B 86 11.53 10.47 -10.48
C LEU B 86 12.65 11.35 -9.94
N LYS B 87 12.26 12.38 -9.19
CA LYS B 87 13.21 13.35 -8.62
C LYS B 87 13.07 13.33 -7.10
N PRO B 88 14.11 13.70 -6.32
CA PRO B 88 13.96 13.75 -4.85
C PRO B 88 12.72 14.55 -4.39
N GLU B 89 12.36 15.62 -5.13
CA GLU B 89 11.21 16.49 -4.88
C GLU B 89 9.85 15.78 -5.05
N ASP B 90 9.85 14.59 -5.70
CA ASP B 90 8.63 13.80 -5.85
C ASP B 90 8.36 12.95 -4.59
N THR B 91 9.28 12.98 -3.61
CA THR B 91 9.09 12.26 -2.33
C THR B 91 7.82 12.77 -1.64
N ALA B 92 6.89 11.84 -1.35
CA ALA B 92 5.63 12.17 -0.72
C ALA B 92 4.83 10.91 -0.44
N VAL B 93 3.76 11.08 0.37
CA VAL B 93 2.78 10.03 0.52
C VAL B 93 1.75 10.35 -0.61
N TYR B 94 1.48 9.38 -1.48
CA TYR B 94 0.53 9.57 -2.59
C TYR B 94 -0.83 9.03 -2.23
N TYR B 95 -1.86 9.85 -2.43
CA TYR B 95 -3.23 9.53 -2.10
C TYR B 95 -4.10 9.56 -3.30
N CYS B 96 -5.01 8.63 -3.38
CA CYS B 96 -6.00 8.75 -4.41
C CYS B 96 -7.35 9.18 -3.81
N ALA B 97 -8.17 9.83 -4.64
CA ALA B 97 -9.49 10.33 -4.25
C ALA B 97 -10.52 10.06 -5.35
N ALA B 98 -11.80 9.93 -4.97
CA ALA B 98 -12.89 9.66 -5.91
C ALA B 98 -14.07 10.55 -5.64
N ASP B 99 -14.81 10.86 -6.71
CA ASP B 99 -16.01 11.70 -6.67
C ASP B 99 -16.96 11.30 -7.77
N LYS B 100 -18.25 11.18 -7.44
CA LYS B 100 -19.21 10.76 -8.47
C LYS B 100 -19.65 11.93 -9.34
N TYR B 101 -19.44 13.18 -8.89
CA TYR B 101 -19.97 14.33 -9.62
C TYR B 101 -18.98 15.29 -10.26
N TYR B 102 -17.80 15.44 -9.67
CA TYR B 102 -16.81 16.40 -10.16
C TYR B 102 -15.53 15.77 -10.72
N THR B 103 -14.99 16.41 -11.79
CA THR B 103 -13.67 16.11 -12.32
C THR B 103 -13.01 17.43 -12.72
N GLY B 104 -11.69 17.46 -12.68
CA GLY B 104 -10.94 18.61 -13.12
C GLY B 104 -9.62 18.74 -12.42
N PRO B 105 -8.88 19.84 -12.64
CA PRO B 105 -7.61 20.04 -11.91
C PRO B 105 -7.91 20.47 -10.47
N GLY B 106 -6.98 20.20 -9.56
CA GLY B 106 -7.13 20.55 -8.15
C GLY B 106 -8.43 20.08 -7.50
N GLY B 107 -9.09 20.98 -6.75
CA GLY B 107 -10.35 20.70 -6.07
C GLY B 107 -10.24 19.62 -5.01
N GLU B 108 -9.13 19.62 -4.25
CA GLU B 108 -8.90 18.65 -3.17
C GLU B 108 -10.10 18.49 -2.23
N SER B 109 -10.62 19.59 -1.70
CA SER B 109 -11.75 19.57 -0.78
C SER B 109 -13.08 19.10 -1.45
N VAL B 110 -13.17 19.16 -2.78
CA VAL B 110 -14.37 18.76 -3.49
C VAL B 110 -14.59 17.24 -3.43
N TYR B 111 -13.51 16.43 -3.54
CA TYR B 111 -13.62 14.97 -3.54
C TYR B 111 -14.35 14.40 -2.35
N ASP B 112 -15.22 13.41 -2.60
CA ASP B 112 -15.97 12.82 -1.49
C ASP B 112 -15.24 11.69 -0.77
N TYR B 113 -14.47 10.90 -1.52
CA TYR B 113 -13.81 9.72 -0.99
C TYR B 113 -12.33 9.79 -1.06
N TRP B 114 -11.66 9.21 -0.04
CA TRP B 114 -10.21 9.20 0.06
C TRP B 114 -9.62 7.83 0.37
N GLY B 115 -8.46 7.57 -0.22
CA GLY B 115 -7.68 6.35 0.02
C GLY B 115 -6.90 6.49 1.31
N ARG B 116 -5.93 5.62 1.51
CA ARG B 116 -5.13 5.54 2.72
C ARG B 116 -3.76 6.19 2.57
N GLY B 117 -3.29 6.27 1.33
CA GLY B 117 -1.97 6.76 1.03
C GLY B 117 -0.96 5.64 0.90
N THR B 118 0.00 5.84 -0.02
CA THR B 118 1.13 4.95 -0.27
C THR B 118 2.36 5.85 -0.39
N GLN B 119 3.39 5.49 0.38
CA GLN B 119 4.63 6.25 0.50
C GLN B 119 5.56 6.05 -0.73
N VAL B 120 6.07 7.18 -1.25
CA VAL B 120 7.03 7.19 -2.35
C VAL B 120 8.27 7.96 -1.84
N THR B 121 9.39 7.25 -1.69
CA THR B 121 10.64 7.89 -1.27
C THR B 121 11.63 7.87 -2.42
N VAL B 122 12.02 9.04 -2.90
CA VAL B 122 13.00 9.14 -3.99
C VAL B 122 14.31 9.63 -3.40
N SER B 123 15.32 8.75 -3.23
CA SER B 123 16.61 9.23 -2.67
C SER B 123 17.86 8.64 -3.31
#